data_1CHP
#
_entry.id   1CHP
#
_cell.length_a   102.600
_cell.length_b   66.610
_cell.length_c   99.710
_cell.angle_alpha   90.00
_cell.angle_beta   131.57
_cell.angle_gamma   90.00
#
_symmetry.space_group_name_H-M   'C 1 2 1'
#
loop_
_entity.id
_entity.type
_entity.pdbx_description
1 polymer 'CHOLERA TOXIN B PENTAMER'
2 non-polymer 'CHLORIDE ION'
3 water water
#
_entity_poly.entity_id   1
_entity_poly.type   'polypeptide(L)'
_entity_poly.pdbx_seq_one_letter_code
;TPQNITDLCAEYHNTQIHTLNDKIFSYTESLADKREMAIITFKNGATFQVEVPGSQHIDSQKKAIERMKDTLRIAYLTEA
KVEKLCVWNNKTPHAIAAISMAN
;
_entity_poly.pdbx_strand_id   D,E,F,G,H
#
loop_
_chem_comp.id
_chem_comp.type
_chem_comp.name
_chem_comp.formula
CL non-polymer 'CHLORIDE ION' 'Cl -1'
#
# COMPACT_ATOMS: atom_id res chain seq x y z
N THR A 1 -14.51 -21.20 -14.96
CA THR A 1 -13.98 -20.77 -13.64
C THR A 1 -15.13 -20.25 -12.77
N PRO A 2 -15.06 -20.47 -11.42
CA PRO A 2 -16.12 -20.01 -10.51
C PRO A 2 -16.38 -18.51 -10.72
N GLN A 3 -17.65 -18.15 -10.65
CA GLN A 3 -18.03 -16.76 -10.89
C GLN A 3 -18.51 -16.01 -9.67
N ASN A 4 -18.50 -16.66 -8.52
CA ASN A 4 -18.93 -16.01 -7.28
C ASN A 4 -18.40 -16.85 -6.13
N ILE A 5 -18.43 -16.29 -4.93
CA ILE A 5 -17.91 -16.94 -3.75
C ILE A 5 -18.54 -18.30 -3.36
N THR A 6 -19.87 -18.45 -3.49
CA THR A 6 -20.47 -19.74 -3.12
C THR A 6 -20.00 -20.85 -4.04
N ASP A 7 -19.97 -20.59 -5.35
CA ASP A 7 -19.49 -21.58 -6.31
C ASP A 7 -18.00 -21.92 -6.08
N LEU A 8 -17.17 -20.92 -5.77
CA LEU A 8 -15.77 -21.21 -5.54
C LEU A 8 -15.57 -21.99 -4.25
N CYS A 9 -16.35 -21.67 -3.22
CA CYS A 9 -16.25 -22.34 -1.93
C CYS A 9 -16.58 -23.83 -2.03
N ALA A 10 -17.48 -24.18 -2.94
CA ALA A 10 -17.92 -25.56 -3.18
C ALA A 10 -16.88 -26.49 -3.82
N GLU A 11 -15.83 -25.92 -4.42
CA GLU A 11 -14.79 -26.72 -5.05
C GLU A 11 -13.78 -27.22 -4.06
N TYR A 12 -13.97 -26.86 -2.81
CA TYR A 12 -13.07 -27.26 -1.76
C TYR A 12 -13.75 -28.18 -0.78
N HIS A 13 -12.95 -28.92 -0.04
CA HIS A 13 -13.45 -29.91 0.89
C HIS A 13 -13.72 -29.35 2.27
N ASN A 14 -14.91 -29.67 2.78
CA ASN A 14 -15.34 -29.26 4.11
C ASN A 14 -15.21 -27.76 4.40
N THR A 15 -15.61 -26.96 3.43
CA THR A 15 -15.60 -25.52 3.57
C THR A 15 -17.05 -25.13 3.91
N GLN A 16 -17.26 -23.87 4.27
CA GLN A 16 -18.61 -23.40 4.54
C GLN A 16 -18.67 -21.92 4.27
N ILE A 17 -19.85 -21.46 3.88
CA ILE A 17 -20.10 -20.05 3.60
C ILE A 17 -20.80 -19.42 4.81
N HIS A 18 -20.35 -18.22 5.17
CA HIS A 18 -20.97 -17.46 6.25
C HIS A 18 -21.47 -16.19 5.60
N THR A 19 -22.73 -15.86 5.80
CA THR A 19 -23.29 -14.63 5.24
C THR A 19 -23.35 -13.66 6.40
N LEU A 20 -22.60 -12.58 6.29
CA LEU A 20 -22.54 -11.61 7.37
C LEU A 20 -23.34 -10.37 7.00
N ASN A 21 -23.04 -9.78 5.85
CA ASN A 21 -23.72 -8.58 5.41
C ASN A 21 -23.60 -7.51 6.50
N ASP A 22 -22.40 -7.37 7.04
CA ASP A 22 -22.13 -6.40 8.10
C ASP A 22 -20.66 -6.00 8.05
N LYS A 23 -20.32 -4.88 8.66
CA LYS A 23 -18.93 -4.44 8.68
C LYS A 23 -18.18 -5.26 9.74
N ILE A 24 -16.86 -5.24 9.71
CA ILE A 24 -16.04 -5.97 10.68
C ILE A 24 -16.10 -5.20 11.99
N PHE A 25 -16.39 -5.89 13.08
CA PHE A 25 -16.47 -5.23 14.36
C PHE A 25 -15.10 -4.88 14.97
N SER A 26 -14.15 -5.81 14.90
CA SER A 26 -12.85 -5.54 15.45
C SER A 26 -11.83 -6.25 14.63
N TYR A 27 -10.62 -5.69 14.65
CA TYR A 27 -9.51 -6.20 13.87
C TYR A 27 -8.31 -6.36 14.81
N THR A 28 -7.77 -7.57 14.89
CA THR A 28 -6.62 -7.88 15.72
C THR A 28 -5.45 -8.36 14.86
N GLU A 29 -4.28 -7.80 15.08
CA GLU A 29 -3.10 -8.19 14.31
C GLU A 29 -1.98 -8.57 15.26
N SER A 30 -1.31 -9.67 14.97
CA SER A 30 -0.23 -10.17 15.82
C SER A 30 1.06 -10.42 15.03
N LEU A 31 2.19 -9.98 15.59
CA LEU A 31 3.50 -10.21 14.98
C LEU A 31 4.28 -11.20 15.85
N ALA A 32 3.65 -11.70 16.92
CA ALA A 32 4.30 -12.64 17.84
C ALA A 32 4.67 -13.96 17.17
N ASP A 33 5.84 -14.48 17.54
CA ASP A 33 6.41 -15.71 16.98
C ASP A 33 5.43 -16.86 16.84
N LYS A 34 5.38 -17.40 15.62
CA LYS A 34 4.51 -18.52 15.28
C LYS A 34 3.02 -18.18 15.26
N ARG A 35 2.66 -16.94 15.56
CA ARG A 35 1.26 -16.53 15.51
C ARG A 35 1.11 -15.20 14.80
N GLU A 36 1.85 -15.07 13.70
CA GLU A 36 1.83 -13.85 12.90
C GLU A 36 0.58 -14.01 12.06
N MET A 37 -0.47 -13.33 12.50
CA MET A 37 -1.78 -13.46 11.86
C MET A 37 -2.67 -12.26 12.15
N ALA A 38 -3.91 -12.35 11.67
CA ALA A 38 -4.93 -11.33 11.86
C ALA A 38 -6.20 -12.08 12.26
N ILE A 39 -6.99 -11.47 13.13
CA ILE A 39 -8.23 -12.04 13.63
C ILE A 39 -9.29 -10.94 13.51
N ILE A 40 -10.46 -11.30 12.99
CA ILE A 40 -11.54 -10.34 12.85
C ILE A 40 -12.79 -10.93 13.51
N THR A 41 -13.66 -10.08 14.05
CA THR A 41 -14.92 -10.53 14.66
C THR A 41 -16.04 -9.60 14.17
N PHE A 42 -17.26 -10.10 14.19
CA PHE A 42 -18.42 -9.33 13.80
C PHE A 42 -19.24 -9.15 15.07
N LYS A 43 -20.15 -8.18 15.08
CA LYS A 43 -20.95 -7.93 16.28
C LYS A 43 -21.64 -9.19 16.81
N ASN A 44 -22.03 -10.09 15.91
CA ASN A 44 -22.73 -11.35 16.28
C ASN A 44 -21.84 -12.39 17.00
N GLY A 45 -20.57 -12.09 17.14
CA GLY A 45 -19.66 -13.00 17.80
C GLY A 45 -18.82 -13.89 16.90
N ALA A 46 -19.11 -13.91 15.59
CA ALA A 46 -18.35 -14.74 14.67
C ALA A 46 -16.93 -14.20 14.62
N THR A 47 -15.96 -15.11 14.74
CA THR A 47 -14.54 -14.79 14.74
C THR A 47 -13.88 -15.59 13.64
N PHE A 48 -13.01 -14.95 12.87
CA PHE A 48 -12.32 -15.61 11.78
C PHE A 48 -10.86 -15.20 11.80
N GLN A 49 -9.99 -16.00 11.20
CA GLN A 49 -8.55 -15.71 11.15
C GLN A 49 -8.02 -16.03 9.77
N VAL A 50 -6.83 -15.52 9.45
CA VAL A 50 -6.15 -15.81 8.21
C VAL A 50 -5.05 -16.71 8.75
N GLU A 51 -4.88 -17.88 8.15
CA GLU A 51 -3.85 -18.82 8.60
C GLU A 51 -2.47 -18.21 8.64
N VAL A 52 -1.67 -18.68 9.58
CA VAL A 52 -0.28 -18.24 9.74
C VAL A 52 0.50 -18.91 8.58
N PRO A 53 1.36 -18.14 7.88
CA PRO A 53 2.10 -18.73 6.75
C PRO A 53 3.07 -19.90 7.03
N GLY A 54 2.65 -21.10 6.63
CA GLY A 54 3.48 -22.28 6.80
C GLY A 54 4.42 -22.48 5.62
N SER A 55 5.57 -23.09 5.89
CA SER A 55 6.63 -23.35 4.90
C SER A 55 6.24 -24.17 3.66
N GLN A 56 5.72 -25.37 3.92
CA GLN A 56 5.31 -26.30 2.87
C GLN A 56 4.39 -25.77 1.77
N HIS A 57 3.51 -24.81 2.09
CA HIS A 57 2.64 -24.28 1.05
C HIS A 57 3.40 -23.25 0.21
N ILE A 58 3.17 -23.33 -1.09
CA ILE A 58 3.85 -22.50 -2.07
C ILE A 58 3.76 -21.01 -1.82
N ASP A 59 4.68 -20.28 -2.43
CA ASP A 59 4.76 -18.84 -2.26
C ASP A 59 3.60 -18.02 -2.85
N SER A 60 2.89 -18.57 -3.83
CA SER A 60 1.74 -17.86 -4.36
C SER A 60 0.69 -17.94 -3.25
N GLN A 61 0.74 -18.99 -2.44
CA GLN A 61 -0.16 -19.12 -1.31
C GLN A 61 0.26 -18.11 -0.26
N LYS A 62 1.57 -17.86 -0.16
CA LYS A 62 2.08 -16.89 0.81
C LYS A 62 1.70 -15.47 0.39
N LYS A 63 1.71 -15.17 -0.91
CA LYS A 63 1.32 -13.81 -1.36
C LYS A 63 -0.15 -13.56 -1.13
N ALA A 64 -0.97 -14.58 -1.37
CA ALA A 64 -2.41 -14.46 -1.22
C ALA A 64 -2.77 -14.25 0.22
N ILE A 65 -2.05 -14.90 1.12
CA ILE A 65 -2.30 -14.75 2.56
C ILE A 65 -2.00 -13.31 2.99
N GLU A 66 -0.90 -12.76 2.48
CA GLU A 66 -0.50 -11.39 2.79
C GLU A 66 -1.52 -10.40 2.23
N ARG A 67 -1.98 -10.62 1.01
CA ARG A 67 -2.99 -9.77 0.42
C ARG A 67 -4.27 -9.77 1.28
N MET A 68 -4.70 -10.96 1.68
CA MET A 68 -5.90 -11.12 2.50
C MET A 68 -5.80 -10.30 3.78
N LYS A 69 -4.65 -10.30 4.43
CA LYS A 69 -4.49 -9.49 5.64
C LYS A 69 -4.57 -7.98 5.33
N ASP A 70 -4.07 -7.59 4.16
CA ASP A 70 -4.15 -6.18 3.72
C ASP A 70 -5.61 -5.86 3.45
N THR A 71 -6.32 -6.76 2.80
CA THR A 71 -7.72 -6.55 2.49
C THR A 71 -8.58 -6.40 3.74
N LEU A 72 -8.38 -7.28 4.72
CA LEU A 72 -9.17 -7.20 5.96
C LEU A 72 -8.91 -5.91 6.73
N ARG A 73 -7.66 -5.48 6.78
CA ARG A 73 -7.33 -4.25 7.49
C ARG A 73 -8.01 -3.05 6.88
N ILE A 74 -7.92 -2.93 5.54
CA ILE A 74 -8.55 -1.79 4.89
C ILE A 74 -10.08 -1.85 4.93
N ALA A 75 -10.65 -3.06 4.87
CA ALA A 75 -12.09 -3.22 4.95
C ALA A 75 -12.52 -2.77 6.33
N TYR A 76 -11.73 -3.12 7.34
CA TYR A 76 -12.05 -2.71 8.69
C TYR A 76 -12.02 -1.18 8.82
N LEU A 77 -10.94 -0.56 8.36
CA LEU A 77 -10.80 0.88 8.46
C LEU A 77 -11.84 1.69 7.69
N THR A 78 -12.26 1.17 6.54
CA THR A 78 -13.23 1.86 5.71
C THR A 78 -14.68 1.47 6.04
N GLU A 79 -14.87 0.58 7.01
CA GLU A 79 -16.20 0.12 7.40
C GLU A 79 -17.02 -0.51 6.26
N ALA A 80 -16.31 -1.17 5.36
CA ALA A 80 -16.87 -1.82 4.19
C ALA A 80 -17.73 -2.98 4.66
N LYS A 81 -18.87 -3.19 4.02
CA LYS A 81 -19.77 -4.26 4.40
C LYS A 81 -19.26 -5.57 3.83
N VAL A 82 -19.00 -6.58 4.65
CA VAL A 82 -18.59 -7.87 4.08
C VAL A 82 -19.85 -8.73 3.93
N GLU A 83 -20.02 -9.27 2.73
CA GLU A 83 -21.18 -10.06 2.37
C GLU A 83 -21.03 -11.51 2.84
N LYS A 84 -20.06 -12.23 2.30
CA LYS A 84 -19.86 -13.61 2.70
C LYS A 84 -18.40 -13.90 2.90
N LEU A 85 -18.12 -14.96 3.64
CA LEU A 85 -16.77 -15.42 3.88
C LEU A 85 -16.86 -16.92 3.61
N CYS A 86 -15.88 -17.45 2.90
CA CYS A 86 -15.80 -18.86 2.64
C CYS A 86 -14.70 -19.27 3.58
N VAL A 87 -14.93 -20.28 4.41
CA VAL A 87 -13.93 -20.66 5.37
C VAL A 87 -13.68 -22.16 5.44
N TRP A 88 -12.51 -22.52 5.95
CA TRP A 88 -12.18 -23.92 6.18
C TRP A 88 -12.64 -24.13 7.63
N ASN A 89 -13.65 -24.97 7.81
CA ASN A 89 -14.22 -25.24 9.12
C ASN A 89 -13.46 -26.25 9.97
N ASN A 90 -12.36 -26.76 9.44
CA ASN A 90 -11.53 -27.71 10.19
C ASN A 90 -10.55 -26.97 11.12
N LYS A 91 -10.69 -25.65 11.21
CA LYS A 91 -9.85 -24.81 12.07
C LYS A 91 -10.70 -23.92 12.95
N THR A 92 -10.16 -23.48 14.09
CA THR A 92 -10.89 -22.59 15.00
C THR A 92 -9.97 -21.57 15.71
N PRO A 93 -10.25 -20.26 15.53
CA PRO A 93 -11.35 -19.73 14.71
C PRO A 93 -11.26 -20.22 13.27
N HIS A 94 -12.38 -20.18 12.56
CA HIS A 94 -12.43 -20.62 11.17
C HIS A 94 -11.50 -19.81 10.30
N ALA A 95 -10.73 -20.51 9.48
CA ALA A 95 -9.77 -19.87 8.59
C ALA A 95 -10.41 -19.43 7.27
N ILE A 96 -10.18 -18.18 6.92
CA ILE A 96 -10.74 -17.57 5.72
C ILE A 96 -10.13 -18.09 4.43
N ALA A 97 -10.98 -18.40 3.46
CA ALA A 97 -10.54 -18.89 2.15
C ALA A 97 -10.83 -17.83 1.11
N ALA A 98 -11.97 -17.18 1.23
CA ALA A 98 -12.38 -16.15 0.28
C ALA A 98 -13.29 -15.16 1.00
N ILE A 99 -13.41 -13.97 0.45
CA ILE A 99 -14.27 -12.97 1.05
C ILE A 99 -14.95 -12.20 -0.08
N SER A 100 -16.21 -11.82 0.12
CA SER A 100 -16.93 -11.02 -0.86
C SER A 100 -17.44 -9.77 -0.15
N MET A 101 -17.35 -8.65 -0.85
CA MET A 101 -17.79 -7.37 -0.35
C MET A 101 -18.75 -6.80 -1.37
N ALA A 102 -19.90 -6.34 -0.90
CA ALA A 102 -20.91 -5.74 -1.76
C ALA A 102 -21.77 -4.92 -0.83
N ASN A 103 -22.30 -3.81 -1.33
CA ASN A 103 -23.19 -2.95 -0.53
C ASN A 103 -24.64 -3.13 -1.05
N THR B 1 3.19 2.91 -29.36
CA THR B 1 2.71 2.80 -27.95
C THR B 1 1.31 3.37 -27.88
N PRO B 2 0.34 2.58 -27.39
CA PRO B 2 -1.03 3.07 -27.28
C PRO B 2 -1.15 4.37 -26.47
N GLN B 3 -2.09 5.22 -26.87
CA GLN B 3 -2.34 6.47 -26.18
C GLN B 3 -3.59 6.29 -25.31
N ASN B 4 -4.31 5.19 -25.49
CA ASN B 4 -5.52 4.90 -24.72
C ASN B 4 -5.82 3.39 -24.67
N ILE B 5 -6.81 3.01 -23.86
CA ILE B 5 -7.21 1.62 -23.65
C ILE B 5 -7.74 0.91 -24.92
N THR B 6 -8.56 1.62 -25.69
CA THR B 6 -9.14 1.06 -26.92
C THR B 6 -8.06 0.61 -27.91
N ASP B 7 -7.04 1.43 -28.12
CA ASP B 7 -5.94 1.10 -29.05
C ASP B 7 -5.03 0.05 -28.47
N LEU B 8 -4.79 0.13 -27.17
CA LEU B 8 -3.95 -0.85 -26.52
C LEU B 8 -4.66 -2.21 -26.59
N CYS B 9 -5.98 -2.20 -26.44
CA CYS B 9 -6.74 -3.43 -26.48
C CYS B 9 -6.68 -4.08 -27.85
N ALA B 10 -6.78 -3.26 -28.89
CA ALA B 10 -6.75 -3.74 -30.28
C ALA B 10 -5.45 -4.44 -30.69
N GLU B 11 -4.42 -4.35 -29.86
CA GLU B 11 -3.13 -4.99 -30.15
C GLU B 11 -3.05 -6.44 -29.74
N TYR B 12 -4.11 -6.95 -29.14
CA TYR B 12 -4.11 -8.33 -28.66
C TYR B 12 -5.24 -9.11 -29.31
N HIS B 13 -5.15 -10.43 -29.25
CA HIS B 13 -6.17 -11.30 -29.83
C HIS B 13 -7.22 -11.65 -28.80
N ASN B 14 -8.44 -11.88 -29.27
CA ASN B 14 -9.55 -12.26 -28.40
C ASN B 14 -9.81 -11.27 -27.29
N THR B 15 -9.47 -10.01 -27.51
CA THR B 15 -9.74 -9.03 -26.49
C THR B 15 -11.06 -8.39 -26.83
N GLN B 16 -11.54 -7.52 -25.96
CA GLN B 16 -12.83 -6.89 -26.18
C GLN B 16 -12.95 -5.74 -25.21
N ILE B 17 -13.53 -4.63 -25.64
CA ILE B 17 -13.71 -3.48 -24.76
C ILE B 17 -15.13 -3.47 -24.20
N HIS B 18 -15.24 -3.24 -22.90
CA HIS B 18 -16.52 -3.17 -22.25
C HIS B 18 -16.57 -1.80 -21.68
N THR B 19 -17.65 -1.09 -21.95
CA THR B 19 -17.84 0.25 -21.43
C THR B 19 -18.87 0.11 -20.31
N LEU B 20 -18.41 0.31 -19.09
CA LEU B 20 -19.26 0.17 -17.92
C LEU B 20 -19.75 1.51 -17.41
N ASN B 21 -18.83 2.47 -17.26
CA ASN B 21 -19.13 3.78 -16.72
C ASN B 21 -19.96 3.61 -15.48
N ASP B 22 -19.51 2.73 -14.61
CA ASP B 22 -20.21 2.44 -13.39
C ASP B 22 -19.20 2.00 -12.38
N LYS B 23 -19.56 2.11 -11.11
CA LYS B 23 -18.71 1.69 -10.01
C LYS B 23 -18.84 0.16 -9.88
N ILE B 24 -17.86 -0.50 -9.29
CA ILE B 24 -17.89 -1.95 -9.12
C ILE B 24 -18.94 -2.28 -8.07
N PHE B 25 -19.82 -3.24 -8.33
CA PHE B 25 -20.83 -3.55 -7.33
C PHE B 25 -20.34 -4.51 -6.25
N SER B 26 -19.51 -5.48 -6.65
CA SER B 26 -19.02 -6.46 -5.70
C SER B 26 -17.57 -6.74 -5.93
N TYR B 27 -16.86 -7.11 -4.86
CA TYR B 27 -15.45 -7.47 -4.94
C TYR B 27 -15.27 -8.78 -4.19
N THR B 28 -14.76 -9.80 -4.86
CA THR B 28 -14.50 -11.12 -4.26
C THR B 28 -13.02 -11.48 -4.40
N GLU B 29 -12.38 -11.85 -3.30
CA GLU B 29 -10.98 -12.19 -3.36
C GLU B 29 -10.80 -13.55 -2.76
N SER B 30 -10.01 -14.39 -3.41
CA SER B 30 -9.78 -15.75 -2.96
C SER B 30 -8.30 -16.00 -2.76
N LEU B 31 -7.98 -16.79 -1.74
CA LEU B 31 -6.60 -17.16 -1.49
C LEU B 31 -6.55 -18.70 -1.56
N ALA B 32 -7.64 -19.32 -1.96
CA ALA B 32 -7.73 -20.77 -2.07
C ALA B 32 -6.78 -21.29 -3.13
N ASP B 33 -6.18 -22.47 -2.89
CA ASP B 33 -5.22 -23.12 -3.80
C ASP B 33 -5.58 -23.08 -5.28
N LYS B 34 -4.65 -22.60 -6.10
CA LYS B 34 -4.84 -22.49 -7.55
C LYS B 34 -6.04 -21.62 -7.96
N ARG B 35 -6.53 -20.80 -7.05
CA ARG B 35 -7.65 -19.91 -7.36
C ARG B 35 -7.36 -18.59 -6.64
N GLU B 36 -6.08 -18.23 -6.56
CA GLU B 36 -5.65 -17.00 -5.90
C GLU B 36 -6.03 -15.94 -6.90
N MET B 37 -7.19 -15.32 -6.69
CA MET B 37 -7.71 -14.35 -7.65
C MET B 37 -8.73 -13.37 -7.05
N ALA B 38 -9.17 -12.45 -7.90
CA ALA B 38 -10.16 -11.47 -7.54
C ALA B 38 -11.24 -11.53 -8.62
N ILE B 39 -12.49 -11.32 -8.21
CA ILE B 39 -13.60 -11.33 -9.14
C ILE B 39 -14.40 -10.07 -8.84
N ILE B 40 -14.83 -9.36 -9.86
CA ILE B 40 -15.65 -8.16 -9.67
C ILE B 40 -16.92 -8.27 -10.51
N THR B 41 -17.98 -7.62 -10.06
CA THR B 41 -19.22 -7.59 -10.82
C THR B 41 -19.74 -6.17 -10.82
N PHE B 42 -20.56 -5.87 -11.81
CA PHE B 42 -21.16 -4.57 -11.91
C PHE B 42 -22.66 -4.77 -11.68
N LYS B 43 -23.41 -3.69 -11.48
CA LYS B 43 -24.85 -3.81 -11.22
C LYS B 43 -25.58 -4.47 -12.39
N ASN B 44 -25.06 -4.25 -13.60
CA ASN B 44 -25.66 -4.83 -14.80
C ASN B 44 -25.53 -6.35 -14.88
N GLY B 45 -24.73 -6.93 -13.99
CA GLY B 45 -24.53 -8.38 -13.98
C GLY B 45 -23.17 -8.83 -14.47
N ALA B 46 -22.50 -7.98 -15.26
CA ALA B 46 -21.19 -8.30 -15.80
C ALA B 46 -20.24 -8.73 -14.69
N THR B 47 -19.55 -9.84 -14.90
CA THR B 47 -18.59 -10.41 -13.94
C THR B 47 -17.24 -10.54 -14.65
N PHE B 48 -16.16 -10.11 -14.01
CA PHE B 48 -14.85 -10.20 -14.62
C PHE B 48 -13.88 -10.77 -13.60
N GLN B 49 -12.75 -11.27 -14.07
CA GLN B 49 -11.77 -11.83 -13.15
C GLN B 49 -10.41 -11.31 -13.54
N VAL B 50 -9.49 -11.42 -12.58
CA VAL B 50 -8.08 -11.11 -12.80
C VAL B 50 -7.57 -12.55 -12.67
N GLU B 51 -6.99 -13.05 -13.75
CA GLU B 51 -6.51 -14.41 -13.84
C GLU B 51 -5.49 -14.79 -12.78
N VAL B 52 -5.47 -16.08 -12.42
CA VAL B 52 -4.54 -16.62 -11.45
C VAL B 52 -3.14 -16.58 -12.09
N PRO B 53 -2.09 -16.15 -11.35
CA PRO B 53 -0.76 -16.10 -11.95
C PRO B 53 -0.35 -17.53 -12.17
N GLY B 54 0.16 -17.83 -13.35
CA GLY B 54 0.55 -19.19 -13.62
C GLY B 54 1.80 -19.29 -14.46
N SER B 55 2.10 -20.51 -14.88
CA SER B 55 3.26 -20.85 -15.71
C SER B 55 3.68 -19.90 -16.85
N GLN B 56 2.73 -19.54 -17.72
CA GLN B 56 2.98 -18.65 -18.86
C GLN B 56 3.59 -17.30 -18.44
N HIS B 57 3.08 -16.77 -17.34
CA HIS B 57 3.48 -15.47 -16.83
C HIS B 57 4.89 -15.33 -16.31
N ILE B 58 5.59 -14.35 -16.85
CA ILE B 58 6.94 -14.04 -16.40
C ILE B 58 6.80 -13.03 -15.27
N ASP B 59 7.90 -12.61 -14.70
CA ASP B 59 7.89 -11.69 -13.56
C ASP B 59 7.26 -10.30 -13.73
N SER B 60 7.51 -9.61 -14.84
CA SER B 60 6.88 -8.30 -15.02
C SER B 60 5.36 -8.50 -15.13
N GLN B 61 4.92 -9.64 -15.65
CA GLN B 61 3.51 -9.89 -15.76
C GLN B 61 2.88 -10.33 -14.42
N LYS B 62 3.67 -11.01 -13.60
CA LYS B 62 3.19 -11.43 -12.29
C LYS B 62 2.97 -10.22 -11.42
N LYS B 63 3.85 -9.22 -11.50
CA LYS B 63 3.59 -8.06 -10.68
C LYS B 63 2.53 -7.13 -11.24
N ALA B 64 2.34 -7.08 -12.55
CA ALA B 64 1.28 -6.26 -13.12
C ALA B 64 -0.08 -6.83 -12.63
N ILE B 65 -0.15 -8.15 -12.54
CA ILE B 65 -1.33 -8.87 -12.06
C ILE B 65 -1.60 -8.51 -10.57
N GLU B 66 -0.55 -8.45 -9.77
CA GLU B 66 -0.68 -8.07 -8.36
C GLU B 66 -1.14 -6.62 -8.29
N ARG B 67 -0.55 -5.76 -9.11
CA ARG B 67 -0.98 -4.36 -9.14
C ARG B 67 -2.46 -4.25 -9.52
N MET B 68 -2.90 -5.01 -10.52
CA MET B 68 -4.30 -4.95 -10.94
C MET B 68 -5.26 -5.30 -9.80
N LYS B 69 -4.94 -6.31 -9.00
CA LYS B 69 -5.81 -6.68 -7.88
C LYS B 69 -5.85 -5.56 -6.84
N ASP B 70 -4.71 -4.89 -6.64
CA ASP B 70 -4.64 -3.76 -5.72
C ASP B 70 -5.54 -2.64 -6.23
N THR B 71 -5.49 -2.41 -7.54
CA THR B 71 -6.27 -1.37 -8.18
C THR B 71 -7.76 -1.59 -8.06
N LEU B 72 -8.21 -2.83 -8.28
CA LEU B 72 -9.62 -3.13 -8.19
C LEU B 72 -10.11 -3.05 -6.76
N ARG B 73 -9.30 -3.47 -5.79
CA ARG B 73 -9.71 -3.36 -4.40
C ARG B 73 -9.91 -1.90 -4.01
N ILE B 74 -8.93 -1.06 -4.28
CA ILE B 74 -9.05 0.36 -3.94
C ILE B 74 -10.15 1.09 -4.75
N ALA B 75 -10.39 0.66 -5.99
CA ALA B 75 -11.45 1.23 -6.82
C ALA B 75 -12.82 0.84 -6.23
N TYR B 76 -12.97 -0.42 -5.80
CA TYR B 76 -14.21 -0.86 -5.21
C TYR B 76 -14.51 -0.07 -3.93
N LEU B 77 -13.52 0.03 -3.05
CA LEU B 77 -13.70 0.73 -1.77
C LEU B 77 -13.94 2.24 -1.89
N THR B 78 -13.29 2.88 -2.85
CA THR B 78 -13.46 4.32 -3.04
C THR B 78 -14.63 4.63 -3.97
N GLU B 79 -15.33 3.59 -4.44
CA GLU B 79 -16.48 3.75 -5.34
C GLU B 79 -16.10 4.51 -6.60
N ALA B 80 -14.91 4.28 -7.11
CA ALA B 80 -14.44 4.96 -8.31
C ALA B 80 -15.22 4.45 -9.52
N LYS B 81 -15.57 5.36 -10.42
CA LYS B 81 -16.31 5.00 -11.63
C LYS B 81 -15.38 4.36 -12.66
N VAL B 82 -15.58 3.09 -13.01
CA VAL B 82 -14.70 2.50 -14.03
C VAL B 82 -15.34 2.71 -15.38
N GLU B 83 -14.58 3.32 -16.26
CA GLU B 83 -15.05 3.65 -17.60
C GLU B 83 -15.11 2.45 -18.53
N LYS B 84 -13.96 1.93 -18.90
CA LYS B 84 -13.92 0.78 -19.80
C LYS B 84 -13.01 -0.29 -19.25
N LEU B 85 -13.18 -1.49 -19.77
CA LEU B 85 -12.34 -2.61 -19.41
C LEU B 85 -11.98 -3.35 -20.69
N CYS B 86 -10.69 -3.61 -20.86
CA CYS B 86 -10.22 -4.39 -22.01
C CYS B 86 -10.14 -5.79 -21.44
N VAL B 87 -10.87 -6.74 -22.01
CA VAL B 87 -10.83 -8.10 -21.49
C VAL B 87 -10.55 -9.16 -22.54
N TRP B 88 -10.03 -10.30 -22.08
CA TRP B 88 -9.80 -11.45 -22.92
C TRP B 88 -11.12 -12.21 -22.85
N ASN B 89 -11.84 -12.24 -23.97
CA ASN B 89 -13.16 -12.88 -24.02
C ASN B 89 -13.16 -14.40 -24.21
N ASN B 90 -11.96 -14.97 -24.34
CA ASN B 90 -11.82 -16.41 -24.50
C ASN B 90 -11.68 -17.11 -23.14
N LYS B 91 -12.11 -16.44 -22.08
CA LYS B 91 -12.05 -16.96 -20.73
C LYS B 91 -13.39 -16.71 -20.06
N THR B 92 -13.69 -17.47 -19.02
CA THR B 92 -14.94 -17.30 -18.29
C THR B 92 -14.77 -17.42 -16.77
N PRO B 93 -15.01 -16.33 -16.01
CA PRO B 93 -15.44 -15.00 -16.48
C PRO B 93 -14.36 -14.38 -17.37
N HIS B 94 -14.70 -13.33 -18.13
CA HIS B 94 -13.69 -12.67 -18.98
C HIS B 94 -12.57 -12.15 -18.08
N ALA B 95 -11.33 -12.37 -18.47
CA ALA B 95 -10.19 -11.90 -17.70
C ALA B 95 -9.85 -10.47 -18.08
N ILE B 96 -9.44 -9.69 -17.11
CA ILE B 96 -9.11 -8.30 -17.31
C ILE B 96 -7.68 -8.12 -17.83
N ALA B 97 -7.53 -7.33 -18.92
CA ALA B 97 -6.22 -7.03 -19.51
C ALA B 97 -5.82 -5.61 -19.13
N ALA B 98 -6.79 -4.69 -19.13
CA ALA B 98 -6.53 -3.30 -18.80
C ALA B 98 -7.81 -2.67 -18.27
N ILE B 99 -7.67 -1.52 -17.61
CA ILE B 99 -8.78 -0.79 -17.03
C ILE B 99 -8.57 0.72 -17.16
N SER B 100 -9.64 1.45 -17.42
CA SER B 100 -9.54 2.89 -17.46
C SER B 100 -10.59 3.47 -16.51
N MET B 101 -10.23 4.55 -15.83
CA MET B 101 -11.10 5.21 -14.90
C MET B 101 -11.11 6.67 -15.35
N ALA B 102 -12.28 7.30 -15.29
CA ALA B 102 -12.40 8.68 -15.73
C ALA B 102 -13.19 9.62 -14.80
N ASN B 103 -12.42 10.51 -14.19
CA ASN B 103 -12.85 11.57 -13.26
C ASN B 103 -13.42 11.21 -11.90
N THR C 1 22.47 18.82 -4.87
CA THR C 1 21.31 18.03 -5.39
C THR C 1 20.14 18.94 -5.80
N PRO C 2 19.38 18.60 -6.86
CA PRO C 2 18.26 19.46 -7.26
C PRO C 2 17.29 19.68 -6.09
N GLN C 3 16.85 20.93 -5.94
CA GLN C 3 15.95 21.36 -4.87
C GLN C 3 14.51 21.32 -5.38
N ASN C 4 14.31 21.17 -6.67
CA ASN C 4 12.96 21.15 -7.22
C ASN C 4 12.87 20.38 -8.54
N ILE C 5 11.65 20.21 -9.03
CA ILE C 5 11.43 19.47 -10.26
C ILE C 5 12.05 20.11 -11.49
N THR C 6 12.04 21.43 -11.56
CA THR C 6 12.61 22.15 -12.70
C THR C 6 14.13 21.98 -12.84
N ASP C 7 14.87 22.11 -11.73
CA ASP C 7 16.33 21.93 -11.77
C ASP C 7 16.67 20.48 -12.05
N LEU C 8 15.83 19.60 -11.50
CA LEU C 8 15.99 18.16 -11.67
C LEU C 8 15.81 17.81 -13.15
N CYS C 9 14.79 18.36 -13.77
CA CYS C 9 14.50 18.06 -15.18
C CYS C 9 15.59 18.56 -16.13
N ALA C 10 16.14 19.74 -15.86
CA ALA C 10 17.20 20.35 -16.67
C ALA C 10 18.50 19.53 -16.69
N GLU C 11 18.60 18.52 -15.83
CA GLU C 11 19.78 17.66 -15.74
C GLU C 11 19.80 16.51 -16.77
N TYR C 12 18.72 16.34 -17.51
CA TYR C 12 18.66 15.24 -18.47
C TYR C 12 18.44 15.81 -19.84
N HIS C 13 18.71 14.99 -20.85
CA HIS C 13 18.50 15.38 -22.23
C HIS C 13 17.14 14.83 -22.66
N ASN C 14 16.46 15.55 -23.55
CA ASN C 14 15.16 15.09 -24.03
C ASN C 14 14.05 15.10 -22.97
N THR C 15 14.15 16.03 -22.02
CA THR C 15 13.12 16.15 -21.00
C THR C 15 12.56 17.56 -21.12
N GLN C 16 11.34 17.76 -20.64
CA GLN C 16 10.71 19.05 -20.68
C GLN C 16 9.68 19.10 -19.57
N ILE C 17 9.47 20.28 -19.01
CA ILE C 17 8.52 20.46 -17.95
C ILE C 17 7.17 20.84 -18.59
N HIS C 18 6.09 20.34 -17.96
CA HIS C 18 4.71 20.62 -18.34
C HIS C 18 4.09 21.11 -17.06
N THR C 19 3.48 22.29 -17.09
CA THR C 19 2.86 22.85 -15.90
C THR C 19 1.37 22.65 -16.05
N LEU C 20 0.79 21.76 -15.25
CA LEU C 20 -0.63 21.49 -15.37
C LEU C 20 -1.53 22.17 -14.36
N ASN C 21 -1.14 22.16 -13.09
CA ASN C 21 -1.94 22.73 -12.00
C ASN C 21 -3.37 22.25 -12.12
N ASP C 22 -3.54 20.94 -12.31
CA ASP C 22 -4.86 20.37 -12.49
C ASP C 22 -4.82 18.91 -12.08
N LYS C 23 -5.97 18.35 -11.70
CA LYS C 23 -6.05 16.94 -11.30
C LYS C 23 -6.00 16.02 -12.51
N ILE C 24 -5.68 14.76 -12.30
CA ILE C 24 -5.61 13.82 -13.40
C ILE C 24 -7.05 13.57 -13.84
N PHE C 25 -7.27 13.55 -15.14
CA PHE C 25 -8.60 13.35 -15.69
C PHE C 25 -8.97 11.87 -15.83
N SER C 26 -8.06 11.07 -16.35
CA SER C 26 -8.35 9.66 -16.49
C SER C 26 -7.09 8.88 -16.18
N TYR C 27 -7.28 7.66 -15.70
CA TYR C 27 -6.17 6.81 -15.35
C TYR C 27 -6.41 5.47 -16.01
N THR C 28 -5.41 4.99 -16.72
CA THR C 28 -5.45 3.72 -17.42
C THR C 28 -4.27 2.87 -16.97
N GLU C 29 -4.55 1.60 -16.70
CA GLU C 29 -3.56 0.64 -16.23
C GLU C 29 -3.70 -0.65 -17.04
N SER C 30 -2.58 -1.16 -17.56
CA SER C 30 -2.58 -2.37 -18.37
C SER C 30 -1.64 -3.41 -17.78
N LEU C 31 -2.11 -4.66 -17.75
CA LEU C 31 -1.28 -5.76 -17.25
C LEU C 31 -0.88 -6.61 -18.45
N ALA C 32 -1.34 -6.21 -19.63
CA ALA C 32 -1.07 -6.92 -20.88
C ALA C 32 0.42 -7.10 -21.18
N ASP C 33 0.77 -8.28 -21.69
CA ASP C 33 2.16 -8.66 -22.03
C ASP C 33 2.87 -7.57 -22.84
N LYS C 34 4.03 -7.13 -22.36
CA LYS C 34 4.84 -6.10 -23.01
C LYS C 34 4.21 -4.71 -23.01
N ARG C 35 3.08 -4.56 -22.33
CA ARG C 35 2.38 -3.28 -22.23
C ARG C 35 1.92 -3.09 -20.78
N GLU C 36 2.80 -3.45 -19.85
CA GLU C 36 2.54 -3.32 -18.42
C GLU C 36 2.86 -1.87 -18.16
N MET C 37 1.85 -1.01 -18.28
CA MET C 37 2.03 0.42 -18.14
C MET C 37 0.80 1.14 -17.55
N ALA C 38 0.98 2.45 -17.34
CA ALA C 38 -0.07 3.32 -16.84
C ALA C 38 -0.07 4.53 -17.78
N ILE C 39 -1.26 5.06 -18.05
CA ILE C 39 -1.44 6.23 -18.90
C ILE C 39 -2.42 7.16 -18.20
N ILE C 40 -2.06 8.43 -18.09
CA ILE C 40 -2.94 9.40 -17.48
C ILE C 40 -3.16 10.52 -18.50
N THR C 41 -4.32 11.18 -18.43
CA THR C 41 -4.57 12.31 -19.31
C THR C 41 -5.14 13.40 -18.44
N PHE C 42 -5.11 14.63 -18.94
CA PHE C 42 -5.69 15.73 -18.22
C PHE C 42 -6.85 16.24 -19.09
N LYS C 43 -7.71 17.08 -18.52
CA LYS C 43 -8.87 17.60 -19.23
C LYS C 43 -8.54 18.23 -20.58
N ASN C 44 -7.43 18.94 -20.67
CA ASN C 44 -7.03 19.60 -21.92
C ASN C 44 -6.57 18.65 -23.02
N GLY C 45 -6.46 17.38 -22.69
CA GLY C 45 -6.07 16.35 -23.63
C GLY C 45 -4.67 15.78 -23.52
N ALA C 46 -3.77 16.44 -22.79
CA ALA C 46 -2.39 15.98 -22.66
C ALA C 46 -2.34 14.58 -22.04
N THR C 47 -1.62 13.69 -22.72
CA THR C 47 -1.50 12.29 -22.33
C THR C 47 -0.04 11.96 -21.96
N PHE C 48 0.16 11.23 -20.88
CA PHE C 48 1.51 10.87 -20.45
C PHE C 48 1.56 9.42 -20.08
N GLN C 49 2.71 8.80 -20.17
CA GLN C 49 2.83 7.38 -19.82
C GLN C 49 3.90 7.09 -18.78
N VAL C 50 3.74 6.02 -18.02
CA VAL C 50 4.80 5.59 -17.12
C VAL C 50 5.26 4.42 -17.97
N GLU C 51 6.48 4.55 -18.46
CA GLU C 51 7.10 3.60 -19.34
C GLU C 51 7.27 2.18 -18.84
N VAL C 52 7.03 1.23 -19.74
CA VAL C 52 7.17 -0.19 -19.47
C VAL C 52 8.63 -0.51 -19.15
N PRO C 53 8.89 -1.25 -18.05
CA PRO C 53 10.27 -1.59 -17.69
C PRO C 53 10.92 -2.53 -18.72
N GLY C 54 11.85 -2.00 -19.51
CA GLY C 54 12.53 -2.83 -20.50
C GLY C 54 13.93 -3.22 -20.05
N SER C 55 14.87 -3.23 -20.99
CA SER C 55 16.27 -3.57 -20.68
C SER C 55 16.98 -2.32 -20.16
N GLN C 56 16.54 -1.17 -20.67
CA GLN C 56 17.06 0.17 -20.33
C GLN C 56 16.66 0.56 -18.89
N HIS C 57 16.41 -0.43 -18.03
CA HIS C 57 16.02 -0.15 -16.66
C HIS C 57 16.76 -1.07 -15.71
N ILE C 58 17.50 -0.43 -14.82
CA ILE C 58 18.30 -1.12 -13.81
C ILE C 58 17.33 -1.77 -12.83
N ASP C 59 17.74 -1.88 -11.57
CA ASP C 59 16.92 -2.46 -10.54
C ASP C 59 16.45 -1.36 -9.57
N SER C 60 17.20 -0.25 -9.53
CA SER C 60 16.85 0.91 -8.70
C SER C 60 15.81 1.72 -9.48
N GLN C 61 15.84 1.65 -10.80
CA GLN C 61 14.87 2.38 -11.60
C GLN C 61 13.56 1.59 -11.73
N LYS C 62 13.64 0.26 -11.58
CA LYS C 62 12.45 -0.59 -11.64
C LYS C 62 11.55 -0.30 -10.44
N LYS C 63 12.14 -0.07 -9.29
CA LYS C 63 11.36 0.22 -8.10
C LYS C 63 10.73 1.61 -8.18
N ALA C 64 11.46 2.62 -8.65
CA ALA C 64 10.90 3.97 -8.78
C ALA C 64 9.73 4.00 -9.79
N ILE C 65 9.82 3.13 -10.81
CA ILE C 65 8.75 3.02 -11.80
C ILE C 65 7.46 2.47 -11.16
N GLU C 66 7.61 1.45 -10.32
CA GLU C 66 6.48 0.86 -9.63
C GLU C 66 5.96 1.92 -8.66
N ARG C 67 6.86 2.68 -8.05
CA ARG C 67 6.45 3.74 -7.14
C ARG C 67 5.60 4.79 -7.87
N MET C 68 6.09 5.24 -9.04
CA MET C 68 5.40 6.24 -9.81
C MET C 68 3.98 5.82 -10.13
N LYS C 69 3.79 4.56 -10.50
CA LYS C 69 2.44 4.10 -10.83
C LYS C 69 1.51 4.11 -9.60
N ASP C 70 2.07 3.82 -8.43
CA ASP C 70 1.30 3.86 -7.18
C ASP C 70 0.90 5.31 -6.92
N THR C 71 1.86 6.22 -7.08
CA THR C 71 1.62 7.65 -6.86
C THR C 71 0.50 8.17 -7.76
N LEU C 72 0.59 7.86 -9.05
CA LEU C 72 -0.42 8.29 -10.01
C LEU C 72 -1.82 7.73 -9.74
N ARG C 73 -1.87 6.47 -9.35
CA ARG C 73 -3.15 5.85 -9.03
C ARG C 73 -3.78 6.56 -7.83
N ILE C 74 -3.02 6.77 -6.77
CA ILE C 74 -3.59 7.44 -5.60
C ILE C 74 -3.86 8.94 -5.85
N ALA C 75 -3.02 9.62 -6.63
CA ALA C 75 -3.25 11.04 -6.95
C ALA C 75 -4.55 11.15 -7.72
N TYR C 76 -4.80 10.20 -8.62
CA TYR C 76 -6.04 10.19 -9.39
C TYR C 76 -7.28 9.97 -8.52
N LEU C 77 -7.23 8.92 -7.69
CA LEU C 77 -8.36 8.59 -6.81
C LEU C 77 -8.68 9.67 -5.79
N THR C 78 -7.68 10.43 -5.37
CA THR C 78 -7.91 11.48 -4.37
C THR C 78 -8.08 12.86 -4.97
N GLU C 79 -8.05 12.94 -6.31
CA GLU C 79 -8.20 14.20 -7.05
C GLU C 79 -7.19 15.27 -6.67
N ALA C 80 -5.96 14.83 -6.49
CA ALA C 80 -4.84 15.69 -6.13
C ALA C 80 -4.41 16.49 -7.34
N LYS C 81 -4.04 17.73 -7.10
CA LYS C 81 -3.60 18.67 -8.13
C LYS C 81 -2.15 18.40 -8.51
N VAL C 82 -1.90 17.98 -9.74
CA VAL C 82 -0.51 17.79 -10.10
C VAL C 82 -0.07 19.16 -10.60
N GLU C 83 1.04 19.64 -10.06
CA GLU C 83 1.56 20.94 -10.46
C GLU C 83 2.33 20.82 -11.77
N LYS C 84 3.43 20.09 -11.74
CA LYS C 84 4.31 19.91 -12.90
C LYS C 84 4.70 18.47 -13.20
N LEU C 85 5.02 18.22 -14.47
CA LEU C 85 5.51 16.92 -14.91
C LEU C 85 6.78 17.19 -15.70
N CYS C 86 7.82 16.41 -15.43
CA CYS C 86 9.08 16.48 -16.14
C CYS C 86 8.95 15.22 -16.97
N VAL C 87 8.96 15.35 -18.29
CA VAL C 87 8.82 14.18 -19.13
C VAL C 87 9.89 14.09 -20.20
N TRP C 88 10.10 12.89 -20.72
CA TRP C 88 11.02 12.62 -21.80
C TRP C 88 10.20 12.82 -23.08
N ASN C 89 10.60 13.78 -23.90
CA ASN C 89 9.84 14.07 -25.10
C ASN C 89 10.22 13.31 -26.37
N ASN C 90 11.17 12.39 -26.27
CA ASN C 90 11.57 11.58 -27.43
C ASN C 90 10.69 10.34 -27.54
N LYS C 91 9.69 10.25 -26.67
CA LYS C 91 8.75 9.12 -26.63
C LYS C 91 7.34 9.65 -26.81
N THR C 92 6.44 8.83 -27.37
CA THR C 92 5.03 9.20 -27.58
C THR C 92 4.09 8.07 -27.11
N PRO C 93 3.26 8.31 -26.08
CA PRO C 93 3.04 9.50 -25.25
C PRO C 93 4.33 9.86 -24.51
N HIS C 94 4.46 11.11 -24.09
CA HIS C 94 5.64 11.55 -23.37
C HIS C 94 5.75 10.74 -22.11
N ALA C 95 6.97 10.32 -21.79
CA ALA C 95 7.22 9.47 -20.63
C ALA C 95 7.55 10.26 -19.40
N ILE C 96 6.87 9.95 -18.32
CA ILE C 96 7.08 10.66 -17.08
C ILE C 96 8.40 10.33 -16.37
N ALA C 97 9.16 11.38 -16.05
CA ALA C 97 10.44 11.28 -15.32
C ALA C 97 10.23 11.69 -13.86
N ALA C 98 9.44 12.74 -13.65
CA ALA C 98 9.18 13.26 -12.32
C ALA C 98 7.80 13.94 -12.24
N ILE C 99 7.28 14.08 -11.02
CA ILE C 99 5.98 14.72 -10.77
C ILE C 99 6.07 15.58 -9.50
N SER C 100 5.31 16.66 -9.46
CA SER C 100 5.26 17.50 -8.27
C SER C 100 3.81 17.82 -8.07
N MET C 101 3.37 17.78 -6.82
CA MET C 101 2.01 18.04 -6.46
C MET C 101 2.06 19.14 -5.44
N ALA C 102 1.19 20.11 -5.59
CA ALA C 102 1.13 21.24 -4.69
C ALA C 102 -0.34 21.63 -4.58
N ASN C 103 -0.91 21.30 -3.41
CA ASN C 103 -2.32 21.51 -3.03
C ASN C 103 -3.05 22.79 -3.44
N THR D 1 15.06 1.98 22.57
CA THR D 1 15.89 2.77 23.52
C THR D 1 15.49 4.25 23.49
N PRO D 2 15.71 4.97 22.37
CA PRO D 2 15.28 6.39 22.43
C PRO D 2 13.73 6.36 22.41
N GLN D 3 13.12 7.23 23.20
CA GLN D 3 11.67 7.26 23.29
C GLN D 3 10.94 8.25 22.40
N ASN D 4 11.67 9.19 21.81
CA ASN D 4 11.06 10.17 20.92
C ASN D 4 12.04 10.60 19.84
N ILE D 5 11.58 11.45 18.92
CA ILE D 5 12.40 11.91 17.81
C ILE D 5 13.59 12.76 18.25
N THR D 6 13.44 13.52 19.33
CA THR D 6 14.54 14.36 19.82
C THR D 6 15.72 13.52 20.33
N ASP D 7 15.44 12.55 21.20
CA ASP D 7 16.47 11.67 21.73
C ASP D 7 17.11 10.84 20.63
N LEU D 8 16.31 10.31 19.73
CA LEU D 8 16.85 9.51 18.64
C LEU D 8 17.74 10.36 17.70
N CYS D 9 17.35 11.60 17.42
CA CYS D 9 18.12 12.48 16.53
C CYS D 9 19.49 12.81 17.11
N ALA D 10 19.51 13.05 18.43
CA ALA D 10 20.73 13.38 19.16
C ALA D 10 21.79 12.26 19.15
N GLU D 11 21.43 11.05 18.74
CA GLU D 11 22.34 9.93 18.69
C GLU D 11 23.22 9.94 17.45
N TYR D 12 22.99 10.89 16.55
CA TYR D 12 23.77 10.96 15.30
C TYR D 12 24.57 12.24 15.20
N HIS D 13 25.51 12.25 14.26
CA HIS D 13 26.34 13.42 14.00
C HIS D 13 25.77 14.03 12.73
N ASN D 14 25.84 15.35 12.63
CA ASN D 14 25.33 16.08 11.48
C ASN D 14 23.82 16.01 11.34
N THR D 15 23.13 15.95 12.47
CA THR D 15 21.68 15.91 12.44
C THR D 15 21.23 17.16 13.19
N GLN D 16 19.96 17.50 13.06
CA GLN D 16 19.38 18.63 13.74
C GLN D 16 17.87 18.47 13.62
N ILE D 17 17.14 18.96 14.61
CA ILE D 17 15.69 18.86 14.64
C ILE D 17 15.06 20.13 14.07
N HIS D 18 14.02 19.95 13.26
CA HIS D 18 13.30 21.07 12.69
C HIS D 18 11.90 20.92 13.21
N THR D 19 11.36 21.97 13.80
CA THR D 19 9.99 21.86 14.28
C THR D 19 9.18 22.64 13.25
N LEU D 20 8.25 21.96 12.58
CA LEU D 20 7.43 22.60 11.56
C LEU D 20 5.98 22.75 11.97
N ASN D 21 5.43 21.77 12.67
CA ASN D 21 4.03 21.80 13.09
C ASN D 21 3.12 22.29 11.96
N ASP D 22 3.27 21.72 10.79
CA ASP D 22 2.49 22.15 9.66
C ASP D 22 2.47 21.04 8.63
N LYS D 23 1.51 21.10 7.72
CA LYS D 23 1.39 20.09 6.68
C LYS D 23 2.37 20.34 5.53
N ILE D 24 2.74 19.28 4.82
CA ILE D 24 3.66 19.41 3.69
C ILE D 24 2.97 20.28 2.66
N PHE D 25 3.71 21.23 2.11
CA PHE D 25 3.15 22.12 1.10
C PHE D 25 3.24 21.52 -0.32
N SER D 26 4.37 20.94 -0.69
CA SER D 26 4.47 20.34 -2.00
C SER D 26 5.20 19.01 -1.92
N TYR D 27 4.91 18.11 -2.85
CA TYR D 27 5.55 16.80 -2.87
C TYR D 27 6.07 16.53 -4.28
N THR D 28 7.33 16.15 -4.37
CA THR D 28 7.98 15.87 -5.66
C THR D 28 8.57 14.48 -5.64
N GLU D 29 8.31 13.72 -6.68
CA GLU D 29 8.83 12.36 -6.77
C GLU D 29 9.52 12.21 -8.15
N SER D 30 10.69 11.58 -8.17
CA SER D 30 11.43 11.39 -9.39
C SER D 30 11.85 9.93 -9.57
N LEU D 31 11.65 9.41 -10.78
CA LEU D 31 12.02 8.04 -11.11
C LEU D 31 13.27 8.06 -12.01
N ALA D 32 13.77 9.24 -12.31
CA ALA D 32 14.94 9.40 -13.19
C ALA D 32 16.24 8.81 -12.64
N ASP D 33 17.01 8.18 -13.53
CA ASP D 33 18.28 7.53 -13.20
C ASP D 33 19.20 8.39 -12.34
N LYS D 34 19.59 7.86 -11.19
CA LYS D 34 20.44 8.54 -10.21
C LYS D 34 19.75 9.64 -9.38
N ARG D 35 18.49 9.88 -9.66
CA ARG D 35 17.70 10.89 -8.95
C ARG D 35 16.38 10.27 -8.50
N GLU D 36 16.38 8.99 -8.15
CA GLU D 36 15.17 8.31 -7.69
C GLU D 36 15.04 8.77 -6.24
N MET D 37 14.42 9.93 -6.05
CA MET D 37 14.26 10.55 -4.73
C MET D 37 12.91 11.24 -4.59
N ALA D 38 12.63 11.72 -3.37
CA ALA D 38 11.41 12.43 -3.06
C ALA D 38 11.89 13.73 -2.44
N ILE D 39 11.23 14.83 -2.76
CA ILE D 39 11.53 16.16 -2.24
C ILE D 39 10.24 16.78 -1.67
N ILE D 40 10.27 17.26 -0.43
CA ILE D 40 9.11 17.90 0.14
C ILE D 40 9.44 19.37 0.48
N THR D 41 8.39 20.18 0.55
CA THR D 41 8.52 21.60 0.83
C THR D 41 7.44 21.98 1.81
N PHE D 42 7.71 22.98 2.63
CA PHE D 42 6.71 23.49 3.54
C PHE D 42 6.38 24.90 3.08
N LYS D 43 5.33 25.49 3.62
CA LYS D 43 4.88 26.82 3.18
C LYS D 43 5.89 27.98 3.23
N ASN D 44 6.80 27.94 4.19
CA ASN D 44 7.82 28.98 4.32
C ASN D 44 8.98 28.82 3.32
N GLY D 45 8.91 27.79 2.48
CA GLY D 45 9.93 27.50 1.49
C GLY D 45 10.93 26.39 1.83
N ALA D 46 11.05 26.03 3.11
CA ALA D 46 11.99 24.99 3.54
C ALA D 46 11.81 23.67 2.74
N THR D 47 12.94 23.17 2.22
CA THR D 47 12.99 21.97 1.39
C THR D 47 13.84 20.84 1.99
N PHE D 48 13.34 19.63 1.84
CA PHE D 48 13.98 18.43 2.38
C PHE D 48 13.90 17.31 1.36
N GLN D 49 14.86 16.40 1.40
CA GLN D 49 14.87 15.27 0.48
C GLN D 49 14.98 13.95 1.23
N VAL D 50 14.59 12.88 0.57
CA VAL D 50 14.77 11.53 1.09
C VAL D 50 15.85 11.13 0.08
N GLU D 51 17.04 10.88 0.60
CA GLU D 51 18.17 10.55 -0.24
C GLU D 51 18.02 9.36 -1.15
N VAL D 52 18.68 9.43 -2.29
CA VAL D 52 18.71 8.33 -3.26
C VAL D 52 19.49 7.16 -2.64
N PRO D 53 19.01 5.92 -2.82
CA PRO D 53 19.73 4.78 -2.24
C PRO D 53 21.17 4.62 -2.76
N GLY D 54 21.87 3.64 -2.20
CA GLY D 54 23.25 3.34 -2.57
C GLY D 54 23.69 2.13 -1.75
N SER D 55 24.89 1.59 -1.99
CA SER D 55 25.36 0.43 -1.23
C SER D 55 25.77 0.77 0.22
N GLN D 56 25.88 2.07 0.49
CA GLN D 56 26.22 2.60 1.82
C GLN D 56 25.05 2.13 2.73
N HIS D 57 23.86 2.10 2.12
CA HIS D 57 22.64 1.70 2.77
C HIS D 57 22.52 0.19 2.69
N ILE D 58 22.67 -0.46 3.84
CA ILE D 58 22.54 -1.91 3.87
C ILE D 58 21.09 -2.18 3.47
N ASP D 59 20.77 -3.44 3.20
CA ASP D 59 19.42 -3.79 2.77
C ASP D 59 18.29 -3.32 3.69
N SER D 60 18.49 -3.40 5.01
CA SER D 60 17.47 -2.92 5.96
C SER D 60 17.32 -1.39 5.83
N GLN D 61 18.41 -0.71 5.49
CA GLN D 61 18.37 0.73 5.32
C GLN D 61 17.58 1.10 4.06
N LYS D 62 17.71 0.31 3.00
CA LYS D 62 16.99 0.57 1.78
C LYS D 62 15.48 0.39 1.98
N LYS D 63 15.06 -0.50 2.88
CA LYS D 63 13.62 -0.71 3.14
C LYS D 63 13.02 0.47 3.87
N ALA D 64 13.76 1.01 4.83
CA ALA D 64 13.32 2.15 5.61
C ALA D 64 13.22 3.38 4.69
N ILE D 65 14.10 3.47 3.69
CA ILE D 65 14.07 4.60 2.75
C ILE D 65 12.80 4.56 1.93
N GLU D 66 12.46 3.35 1.50
CA GLU D 66 11.26 3.17 0.71
C GLU D 66 10.05 3.49 1.57
N ARG D 67 10.04 3.01 2.81
CA ARG D 67 8.95 3.27 3.73
C ARG D 67 8.76 4.78 3.94
N MET D 68 9.84 5.52 4.12
CA MET D 68 9.76 6.96 4.33
C MET D 68 9.08 7.66 3.17
N LYS D 69 9.42 7.27 1.95
CA LYS D 69 8.81 7.87 0.77
C LYS D 69 7.31 7.63 0.75
N ASP D 70 6.89 6.46 1.20
CA ASP D 70 5.47 6.11 1.29
C ASP D 70 4.79 7.02 2.31
N THR D 71 5.44 7.18 3.47
CA THR D 71 4.93 8.04 4.56
C THR D 71 4.75 9.49 4.15
N LEU D 72 5.73 10.06 3.46
CA LEU D 72 5.63 11.45 3.01
C LEU D 72 4.53 11.60 1.98
N ARG D 73 4.41 10.63 1.07
CA ARG D 73 3.36 10.67 0.07
C ARG D 73 1.95 10.68 0.71
N ILE D 74 1.62 9.76 1.61
CA ILE D 74 0.26 9.80 2.22
C ILE D 74 0.06 10.94 3.19
N ALA D 75 1.12 11.35 3.86
CA ALA D 75 1.04 12.49 4.77
C ALA D 75 0.65 13.71 3.93
N TYR D 76 1.30 13.86 2.77
CA TYR D 76 0.99 14.97 1.89
C TYR D 76 -0.46 14.89 1.41
N LEU D 77 -0.85 13.73 0.90
CA LEU D 77 -2.21 13.53 0.39
C LEU D 77 -3.30 13.74 1.44
N THR D 78 -3.00 13.42 2.68
CA THR D 78 -3.97 13.56 3.75
C THR D 78 -3.86 14.90 4.51
N GLU D 79 -2.85 15.71 4.16
CA GLU D 79 -2.61 16.98 4.83
C GLU D 79 -2.39 16.78 6.31
N ALA D 80 -1.63 15.76 6.64
CA ALA D 80 -1.33 15.46 8.03
C ALA D 80 -0.31 16.47 8.51
N LYS D 81 -0.46 16.91 9.76
CA LYS D 81 0.46 17.85 10.36
C LYS D 81 1.76 17.17 10.74
N VAL D 82 2.88 17.60 10.16
CA VAL D 82 4.13 17.01 10.57
C VAL D 82 4.66 17.94 11.67
N GLU D 83 5.11 17.32 12.75
CA GLU D 83 5.62 18.03 13.90
C GLU D 83 7.09 18.36 13.79
N LYS D 84 7.92 17.33 13.83
CA LYS D 84 9.35 17.52 13.77
C LYS D 84 10.00 16.65 12.70
N LEU D 85 11.17 17.10 12.24
CA LEU D 85 11.95 16.37 11.26
C LEU D 85 13.34 16.28 11.83
N CYS D 86 13.95 15.12 11.78
CA CYS D 86 15.33 15.00 12.20
C CYS D 86 16.05 14.89 10.86
N VAL D 87 16.97 15.78 10.58
CA VAL D 87 17.63 15.74 9.29
C VAL D 87 19.15 15.77 9.38
N TRP D 88 19.79 15.31 8.31
CA TRP D 88 21.24 15.35 8.17
C TRP D 88 21.49 16.68 7.51
N ASN D 89 22.21 17.55 8.20
CA ASN D 89 22.49 18.90 7.72
C ASN D 89 23.77 19.06 6.90
N ASN D 90 24.43 17.94 6.60
CA ASN D 90 25.64 17.96 5.82
C ASN D 90 25.37 17.81 4.32
N LYS D 91 24.08 17.73 3.97
CA LYS D 91 23.64 17.57 2.59
C LYS D 91 22.71 18.72 2.22
N THR D 92 22.50 18.95 0.92
CA THR D 92 21.60 20.00 0.43
C THR D 92 20.79 19.52 -0.77
N PRO D 93 19.45 19.45 -0.63
CA PRO D 93 18.72 19.81 0.59
C PRO D 93 18.97 18.85 1.78
N HIS D 94 18.66 19.31 2.99
CA HIS D 94 18.86 18.48 4.17
C HIS D 94 18.10 17.15 4.01
N ALA D 95 18.77 16.05 4.31
CA ALA D 95 18.22 14.71 4.17
C ALA D 95 17.44 14.27 5.41
N ILE D 96 16.24 13.75 5.22
CA ILE D 96 15.40 13.30 6.32
C ILE D 96 15.83 11.98 6.95
N ALA D 97 16.02 11.97 8.27
CA ALA D 97 16.41 10.77 9.01
C ALA D 97 15.20 10.19 9.79
N ALA D 98 14.35 11.05 10.32
CA ALA D 98 13.17 10.60 11.06
C ALA D 98 12.14 11.70 10.96
N ILE D 99 10.86 11.34 11.14
CA ILE D 99 9.74 12.28 11.07
C ILE D 99 8.78 11.95 12.21
N SER D 100 8.14 12.97 12.78
CA SER D 100 7.15 12.74 13.85
C SER D 100 5.91 13.48 13.43
N MET D 101 4.76 12.89 13.66
CA MET D 101 3.51 13.54 13.30
C MET D 101 2.62 13.50 14.50
N ALA D 102 2.06 14.65 14.85
CA ALA D 102 1.17 14.77 15.99
C ALA D 102 0.11 15.76 15.58
N ASN D 103 -1.13 15.31 15.70
CA ASN D 103 -2.31 16.07 15.33
C ASN D 103 -2.62 17.25 16.27
N THR E 1 -6.17 -22.17 18.51
CA THR E 1 -5.60 -20.81 18.35
C THR E 1 -6.32 -19.83 19.28
N PRO E 2 -5.61 -18.76 19.71
CA PRO E 2 -6.27 -17.79 20.58
C PRO E 2 -7.31 -17.07 19.73
N GLN E 3 -8.44 -16.73 20.32
CA GLN E 3 -9.50 -16.06 19.58
C GLN E 3 -9.59 -14.55 19.82
N ASN E 4 -8.74 -14.02 20.70
CA ASN E 4 -8.72 -12.60 21.01
C ASN E 4 -7.31 -12.20 21.46
N ILE E 5 -7.06 -10.91 21.63
CA ILE E 5 -5.75 -10.40 22.03
C ILE E 5 -5.33 -10.78 23.45
N THR E 6 -6.26 -10.80 24.39
CA THR E 6 -5.98 -11.17 25.78
C THR E 6 -5.43 -12.59 25.88
N ASP E 7 -6.09 -13.56 25.26
CA ASP E 7 -5.65 -14.97 25.22
C ASP E 7 -4.30 -15.12 24.51
N LEU E 8 -4.14 -14.49 23.35
CA LEU E 8 -2.88 -14.56 22.63
C LEU E 8 -1.70 -14.01 23.43
N CYS E 9 -1.90 -12.87 24.09
CA CYS E 9 -0.84 -12.23 24.87
C CYS E 9 -0.30 -13.13 26.00
N ALA E 10 -1.20 -13.91 26.60
CA ALA E 10 -0.88 -14.82 27.71
C ALA E 10 -0.03 -16.03 27.34
N GLU E 11 0.28 -16.17 26.06
CA GLU E 11 1.06 -17.31 25.59
C GLU E 11 2.53 -16.96 25.50
N TYR E 12 2.86 -15.72 25.80
CA TYR E 12 4.23 -15.27 25.71
C TYR E 12 4.76 -14.89 27.07
N HIS E 13 6.07 -14.68 27.14
CA HIS E 13 6.73 -14.35 28.39
C HIS E 13 6.94 -12.86 28.54
N ASN E 14 6.66 -12.35 29.75
CA ASN E 14 6.83 -10.94 30.05
C ASN E 14 5.97 -10.03 29.19
N THR E 15 4.74 -10.42 28.91
CA THR E 15 3.85 -9.57 28.13
C THR E 15 2.86 -8.90 29.07
N GLN E 16 2.14 -7.93 28.54
CA GLN E 16 1.20 -7.19 29.34
C GLN E 16 0.23 -6.57 28.38
N ILE E 17 -1.04 -6.56 28.75
CA ILE E 17 -2.08 -5.95 27.93
C ILE E 17 -2.30 -4.51 28.43
N HIS E 18 -2.44 -3.57 27.51
CA HIS E 18 -2.71 -2.19 27.86
C HIS E 18 -4.02 -1.90 27.20
N THR E 19 -4.98 -1.34 27.93
CA THR E 19 -6.27 -1.01 27.34
C THR E 19 -6.29 0.49 27.13
N LEU E 20 -6.34 0.89 25.85
CA LEU E 20 -6.31 2.30 25.48
C LEU E 20 -7.67 2.90 25.10
N ASN E 21 -8.37 2.25 24.18
CA ASN E 21 -9.66 2.73 23.72
C ASN E 21 -9.51 4.21 23.34
N ASP E 22 -8.52 4.48 22.49
CA ASP E 22 -8.27 5.84 22.07
C ASP E 22 -7.39 5.82 20.81
N LYS E 23 -7.40 6.92 20.06
CA LYS E 23 -6.60 7.01 18.87
C LYS E 23 -5.15 7.32 19.23
N ILE E 24 -4.25 6.99 18.32
CA ILE E 24 -2.84 7.24 18.53
C ILE E 24 -2.65 8.75 18.52
N PHE E 25 -1.97 9.26 19.55
CA PHE E 25 -1.70 10.68 19.63
C PHE E 25 -0.57 11.14 18.68
N SER E 26 0.50 10.37 18.58
CA SER E 26 1.58 10.75 17.68
C SER E 26 2.26 9.53 17.09
N TYR E 27 2.85 9.73 15.92
CA TYR E 27 3.53 8.69 15.19
C TYR E 27 4.91 9.18 14.74
N THR E 28 5.93 8.43 15.10
CA THR E 28 7.31 8.75 14.77
C THR E 28 7.91 7.61 13.94
N GLU E 29 8.63 7.95 12.88
CA GLU E 29 9.23 6.94 12.03
C GLU E 29 10.69 7.27 11.81
N SER E 30 11.57 6.28 11.87
CA SER E 30 12.99 6.52 11.67
C SER E 30 13.64 5.57 10.66
N LEU E 31 14.46 6.12 9.77
CA LEU E 31 15.17 5.34 8.77
C LEU E 31 16.67 5.34 9.07
N ALA E 32 17.05 5.96 10.18
CA ALA E 32 18.44 6.06 10.60
C ALA E 32 19.03 4.69 10.93
N ASP E 33 20.30 4.47 10.54
CA ASP E 33 21.01 3.19 10.72
C ASP E 33 20.85 2.62 12.13
N LYS E 34 20.38 1.37 12.18
CA LYS E 34 20.12 0.63 13.41
C LYS E 34 18.97 1.14 14.28
N ARG E 35 18.28 2.18 13.80
CA ARG E 35 17.11 2.72 14.51
C ARG E 35 15.92 2.71 13.55
N GLU E 36 15.86 1.72 12.65
CA GLU E 36 14.75 1.66 11.71
C GLU E 36 13.55 1.21 12.52
N MET E 37 12.78 2.16 12.99
CA MET E 37 11.64 1.82 13.83
C MET E 37 10.52 2.84 13.73
N ALA E 38 9.44 2.55 14.44
CA ALA E 38 8.27 3.39 14.52
C ALA E 38 7.99 3.46 16.02
N ILE E 39 7.60 4.65 16.49
CA ILE E 39 7.28 4.87 17.89
C ILE E 39 5.94 5.60 17.91
N ILE E 40 5.02 5.13 18.75
CA ILE E 40 3.70 5.76 18.87
C ILE E 40 3.40 6.16 20.32
N THR E 41 2.67 7.25 20.51
CA THR E 41 2.31 7.65 21.85
C THR E 41 0.81 7.90 21.86
N PHE E 42 0.25 7.91 23.07
CA PHE E 42 -1.16 8.13 23.28
C PHE E 42 -1.26 9.35 24.18
N LYS E 43 -2.45 9.93 24.26
CA LYS E 43 -2.70 11.10 25.07
C LYS E 43 -2.27 10.90 26.54
N ASN E 44 -2.55 9.73 27.11
CA ASN E 44 -2.21 9.44 28.49
C ASN E 44 -0.71 9.30 28.75
N GLY E 45 0.10 9.52 27.72
CA GLY E 45 1.55 9.44 27.89
C GLY E 45 2.23 8.14 27.50
N ALA E 46 1.46 7.08 27.35
CA ALA E 46 2.00 5.76 27.00
C ALA E 46 2.77 5.78 25.67
N THR E 47 3.96 5.19 25.66
CA THR E 47 4.78 5.16 24.48
C THR E 47 5.10 3.72 24.17
N PHE E 48 4.94 3.33 22.91
CA PHE E 48 5.26 1.97 22.51
C PHE E 48 6.11 1.99 21.25
N GLN E 49 6.81 0.90 20.97
CA GLN E 49 7.66 0.83 19.78
C GLN E 49 7.46 -0.44 19.02
N VAL E 50 7.95 -0.44 17.79
CA VAL E 50 7.96 -1.63 16.97
C VAL E 50 9.47 -1.80 16.90
N GLU E 51 9.94 -2.97 17.32
CA GLU E 51 11.37 -3.30 17.36
C GLU E 51 12.04 -3.21 16.01
N VAL E 52 13.32 -2.91 16.02
CA VAL E 52 14.11 -2.85 14.78
C VAL E 52 14.33 -4.30 14.31
N PRO E 53 14.18 -4.58 13.00
CA PRO E 53 14.38 -5.95 12.52
C PRO E 53 15.87 -6.31 12.46
N GLY E 54 16.38 -6.85 13.56
CA GLY E 54 17.76 -7.25 13.60
C GLY E 54 17.94 -8.53 12.79
N SER E 55 19.19 -8.89 12.51
CA SER E 55 19.50 -10.10 11.76
C SER E 55 19.45 -11.33 12.68
N GLN E 56 18.43 -11.34 13.55
CA GLN E 56 18.17 -12.40 14.52
C GLN E 56 16.74 -12.90 14.27
N HIS E 57 15.93 -12.02 13.66
CA HIS E 57 14.53 -12.29 13.36
C HIS E 57 14.38 -13.32 12.23
N ILE E 58 13.44 -14.24 12.44
CA ILE E 58 13.13 -15.30 11.48
C ILE E 58 12.60 -14.64 10.20
N ASP E 59 12.33 -15.45 9.19
CA ASP E 59 11.79 -14.98 7.91
C ASP E 59 10.47 -14.21 8.11
N SER E 60 9.47 -14.91 8.63
CA SER E 60 8.13 -14.38 8.89
C SER E 60 8.08 -13.21 9.88
N GLN E 61 9.05 -13.14 10.77
CA GLN E 61 9.13 -12.07 11.75
C GLN E 61 9.38 -10.71 11.10
N LYS E 62 10.35 -10.64 10.19
CA LYS E 62 10.67 -9.40 9.49
C LYS E 62 9.47 -8.88 8.73
N LYS E 63 8.73 -9.78 8.09
CA LYS E 63 7.54 -9.40 7.34
C LYS E 63 6.36 -8.96 8.24
N ALA E 64 6.17 -9.62 9.39
CA ALA E 64 5.09 -9.23 10.30
C ALA E 64 5.45 -7.87 10.89
N ILE E 65 6.74 -7.62 11.07
CA ILE E 65 7.18 -6.34 11.63
C ILE E 65 6.90 -5.20 10.66
N GLU E 66 7.11 -5.42 9.37
CA GLU E 66 6.85 -4.40 8.37
C GLU E 66 5.33 -4.12 8.33
N ARG E 67 4.52 -5.16 8.41
CA ARG E 67 3.07 -5.00 8.39
C ARG E 67 2.59 -4.17 9.56
N MET E 68 3.11 -4.44 10.75
CA MET E 68 2.72 -3.69 11.94
C MET E 68 3.00 -2.20 11.77
N LYS E 69 4.13 -1.85 11.17
CA LYS E 69 4.45 -0.45 10.95
C LYS E 69 3.45 0.20 9.95
N ASP E 70 3.05 -0.55 8.93
CA ASP E 70 2.03 -0.05 7.99
C ASP E 70 0.72 0.17 8.74
N THR E 71 0.37 -0.78 9.60
CA THR E 71 -0.88 -0.73 10.40
C THR E 71 -0.94 0.47 11.35
N LEU E 72 0.16 0.75 12.03
CA LEU E 72 0.23 1.88 12.95
C LEU E 72 0.11 3.21 12.20
N ARG E 73 0.78 3.33 11.05
CA ARG E 73 0.73 4.54 10.26
C ARG E 73 -0.69 4.82 9.77
N ILE E 74 -1.32 3.83 9.16
CA ILE E 74 -2.67 4.01 8.67
C ILE E 74 -3.69 4.22 9.82
N ALA E 75 -3.49 3.53 10.94
CA ALA E 75 -4.39 3.70 12.09
C ALA E 75 -4.26 5.14 12.58
N TYR E 76 -3.04 5.64 12.61
CA TYR E 76 -2.80 7.00 13.07
C TYR E 76 -3.44 8.02 12.14
N LEU E 77 -3.15 7.93 10.84
CA LEU E 77 -3.70 8.87 9.87
C LEU E 77 -5.23 8.85 9.78
N THR E 78 -5.87 7.70 10.00
CA THR E 78 -7.34 7.63 9.97
C THR E 78 -7.98 7.86 11.34
N GLU E 79 -7.16 8.02 12.38
CA GLU E 79 -7.67 8.25 13.72
C GLU E 79 -8.51 7.07 14.23
N ALA E 80 -8.06 5.87 13.89
CA ALA E 80 -8.71 4.64 14.31
C ALA E 80 -8.46 4.45 15.79
N LYS E 81 -9.51 4.14 16.52
CA LYS E 81 -9.40 3.90 17.94
C LYS E 81 -8.66 2.59 18.16
N VAL E 82 -7.64 2.61 18.99
CA VAL E 82 -6.89 1.39 19.33
C VAL E 82 -7.53 0.89 20.63
N GLU E 83 -7.93 -0.38 20.66
CA GLU E 83 -8.53 -0.96 21.83
C GLU E 83 -7.49 -1.42 22.86
N LYS E 84 -6.72 -2.44 22.52
CA LYS E 84 -5.70 -2.93 23.43
C LYS E 84 -4.44 -3.13 22.65
N LEU E 85 -3.33 -3.20 23.37
CA LEU E 85 -2.03 -3.46 22.80
C LEU E 85 -1.41 -4.50 23.72
N CYS E 86 -0.80 -5.52 23.14
CA CYS E 86 -0.10 -6.54 23.90
C CYS E 86 1.36 -6.18 23.67
N VAL E 87 2.13 -5.96 24.74
CA VAL E 87 3.52 -5.58 24.58
C VAL E 87 4.43 -6.43 25.47
N TRP E 88 5.70 -6.55 25.05
CA TRP E 88 6.69 -7.24 25.86
C TRP E 88 7.21 -6.10 26.74
N ASN E 89 6.95 -6.19 28.03
CA ASN E 89 7.33 -5.14 28.99
C ASN E 89 8.77 -5.12 29.47
N ASN E 90 9.62 -5.94 28.88
CA ASN E 90 11.02 -5.98 29.29
C ASN E 90 11.89 -5.15 28.33
N LYS E 91 11.26 -4.17 27.68
CA LYS E 91 11.94 -3.29 26.73
C LYS E 91 11.41 -1.86 26.97
N THR E 92 12.20 -0.84 26.61
CA THR E 92 11.78 0.56 26.77
C THR E 92 12.04 1.40 25.50
N PRO E 93 10.99 1.90 24.84
CA PRO E 93 9.55 1.78 25.13
C PRO E 93 9.13 0.31 25.02
N HIS E 94 8.00 -0.09 25.60
CA HIS E 94 7.55 -1.49 25.50
C HIS E 94 7.36 -1.85 24.03
N ALA E 95 7.78 -3.04 23.64
CA ALA E 95 7.68 -3.46 22.26
C ALA E 95 6.34 -4.13 21.96
N ILE E 96 5.70 -3.68 20.89
CA ILE E 96 4.39 -4.18 20.48
C ILE E 96 4.43 -5.61 19.92
N ALA E 97 3.54 -6.47 20.42
CA ALA E 97 3.44 -7.85 19.94
C ALA E 97 2.15 -7.98 19.15
N ALA E 98 1.08 -7.35 19.63
CA ALA E 98 -0.22 -7.43 18.98
C ALA E 98 -1.04 -6.19 19.26
N ILE E 99 -1.97 -5.88 18.36
CA ILE E 99 -2.84 -4.73 18.51
C ILE E 99 -4.28 -5.11 18.13
N SER E 100 -5.26 -4.64 18.91
CA SER E 100 -6.67 -4.86 18.59
C SER E 100 -7.29 -3.48 18.37
N MET E 101 -8.18 -3.39 17.39
CA MET E 101 -8.85 -2.16 17.07
C MET E 101 -10.31 -2.53 17.03
N ALA E 102 -11.13 -1.72 17.68
CA ALA E 102 -12.55 -1.96 17.75
C ALA E 102 -13.20 -0.60 17.86
N ASN E 103 -14.37 -0.47 17.27
CA ASN E 103 -15.12 0.79 17.25
C ASN E 103 -15.74 1.08 18.63
CL CL F . 7.98 -14.51 24.66
#